data_3PRK
#
_entry.id   3PRK
#
_cell.length_a   68.300
_cell.length_b   68.300
_cell.length_c   108.400
_cell.angle_alpha   90.00
_cell.angle_beta   90.00
_cell.angle_gamma   90.00
#
_symmetry.space_group_name_H-M   'P 43 21 2'
#
loop_
_entity.id
_entity.type
_entity.pdbx_description
1 polymer 'PROTEINASE K'
2 polymer 'METHOXYSUCCINYL-ALA-ALA-PRO-ALA-CHLOROMETHYL KETONE'
3 non-polymer 'CALCIUM ION'
4 water water
#
loop_
_entity_poly.entity_id
_entity_poly.type
_entity_poly.pdbx_seq_one_letter_code
_entity_poly.pdbx_strand_id
1 'polypeptide(L)'
;AAQTNAPWGLARISSTSPGTSTYYYDESAGQGSCVYVIDTGIEASHPEFEGRAQMVKTYYYSSRDGNGHGTHCAGTVGSR
TYGVAKKTQLFGVKVLDDNGSGQYSTIIAGMDFVASDKNNRNCPKGVVASLSLGGGYSSSVNSAAARLQSSGVMVAVAAG
NNNADARNYSPASEPSVCTVGASDRYDRRSSFSNYGSVLDIFGPGTSILSTWIGGSTRSISGTSMATPHVAGLAAYLMTL
GKTTAASACRYIADTANKGDLSNIPFGTVNLLAYNNYQA
;
E
2 'polypeptide(L)' (MSU)AAP(ALV)(0QE) I
#
# COMPACT_ATOMS: atom_id res chain seq x y z
N ALA A 1 11.65 -17.83 6.03
CA ALA A 1 12.58 -17.58 4.94
C ALA A 1 13.28 -16.28 5.21
N ALA A 2 14.33 -16.00 4.44
CA ALA A 2 15.06 -14.80 4.69
C ALA A 2 15.65 -14.21 3.42
N GLN A 3 15.33 -12.97 3.15
CA GLN A 3 15.87 -12.33 1.98
C GLN A 3 17.01 -11.42 2.39
N THR A 4 18.18 -11.85 1.99
CA THR A 4 19.44 -11.15 2.21
C THR A 4 19.57 -9.95 1.27
N ASN A 5 20.23 -8.89 1.72
CA ASN A 5 20.47 -7.72 0.90
C ASN A 5 19.19 -7.19 0.26
N ALA A 6 18.15 -7.12 1.09
CA ALA A 6 16.86 -6.67 0.61
C ALA A 6 16.83 -5.19 0.67
N PRO A 7 15.86 -4.60 0.00
CA PRO A 7 15.70 -3.16 0.09
C PRO A 7 15.36 -2.82 1.55
N TRP A 8 15.86 -1.67 1.99
CA TRP A 8 15.78 -1.24 3.37
C TRP A 8 14.40 -1.35 4.00
N GLY A 9 13.37 -0.97 3.23
CA GLY A 9 11.96 -1.00 3.65
C GLY A 9 11.45 -2.36 4.09
N LEU A 10 11.77 -3.39 3.31
CA LEU A 10 11.38 -4.75 3.62
C LEU A 10 12.06 -5.23 4.88
N ALA A 11 13.36 -4.96 4.95
CA ALA A 11 14.13 -5.26 6.14
C ALA A 11 13.54 -4.56 7.38
N ARG A 12 13.29 -3.26 7.25
CA ARG A 12 12.78 -2.48 8.36
C ARG A 12 11.54 -3.10 8.98
N ILE A 13 10.68 -3.58 8.11
CA ILE A 13 9.39 -4.10 8.46
C ILE A 13 9.49 -5.45 9.19
N SER A 14 10.63 -6.12 9.13
CA SER A 14 10.79 -7.40 9.83
C SER A 14 11.83 -7.30 10.92
N SER A 15 12.16 -6.08 11.32
CA SER A 15 13.12 -5.81 12.36
C SER A 15 12.52 -4.91 13.44
N THR A 16 13.07 -4.93 14.66
CA THR A 16 12.59 -4.03 15.71
C THR A 16 13.42 -2.78 15.70
N SER A 17 14.44 -2.86 14.88
CA SER A 17 15.42 -1.83 14.82
C SER A 17 15.78 -1.48 13.39
N PRO A 18 16.19 -0.23 13.17
CA PRO A 18 16.59 0.23 11.86
C PRO A 18 17.98 -0.31 11.50
N GLY A 19 18.35 -0.21 10.23
CA GLY A 19 19.71 -0.50 9.81
C GLY A 19 20.05 -1.94 9.52
N THR A 20 19.09 -2.81 9.43
CA THR A 20 19.41 -4.17 9.06
C THR A 20 19.23 -4.34 7.57
N SER A 21 19.53 -5.55 7.07
CA SER A 21 19.56 -5.79 5.64
C SER A 21 18.78 -7.01 5.19
N THR A 22 18.43 -7.87 6.13
CA THR A 22 17.68 -9.06 5.81
C THR A 22 16.20 -8.85 6.03
N TYR A 23 15.38 -9.43 5.15
CA TYR A 23 13.94 -9.39 5.28
C TYR A 23 13.37 -10.73 5.71
N TYR A 24 13.01 -10.90 6.99
CA TYR A 24 12.55 -12.21 7.48
C TYR A 24 11.05 -12.35 7.34
N TYR A 25 10.59 -13.45 6.81
CA TYR A 25 9.16 -13.57 6.62
C TYR A 25 8.78 -15.03 6.51
N ASP A 26 7.49 -15.32 6.71
CA ASP A 26 6.96 -16.64 6.56
C ASP A 26 6.87 -16.99 5.08
N GLU A 27 7.17 -18.23 4.72
CA GLU A 27 7.16 -18.71 3.35
C GLU A 27 5.81 -18.69 2.69
N SER A 28 4.75 -18.82 3.48
CA SER A 28 3.39 -18.67 2.97
C SER A 28 3.24 -17.42 2.09
N ALA A 29 3.90 -16.35 2.51
CA ALA A 29 4.06 -15.15 1.70
C ALA A 29 2.80 -14.58 1.06
N GLY A 30 1.73 -14.47 1.84
CA GLY A 30 0.50 -13.86 1.38
C GLY A 30 -0.20 -14.62 0.25
N GLN A 31 0.21 -15.87 0.01
CA GLN A 31 -0.50 -16.66 -0.98
C GLN A 31 -1.97 -16.95 -0.57
N GLY A 32 -2.88 -16.98 -1.52
CA GLY A 32 -4.27 -17.20 -1.22
C GLY A 32 -5.00 -15.88 -1.06
N SER A 33 -4.24 -14.79 -0.97
CA SER A 33 -4.81 -13.46 -0.80
C SER A 33 -4.71 -12.60 -2.07
N CYS A 34 -5.49 -11.52 -2.10
CA CYS A 34 -5.47 -10.66 -3.26
C CYS A 34 -5.27 -9.20 -2.89
N VAL A 35 -4.50 -8.52 -3.73
CA VAL A 35 -4.29 -7.09 -3.57
C VAL A 35 -4.66 -6.33 -4.84
N TYR A 36 -5.69 -5.51 -4.68
CA TYR A 36 -6.07 -4.57 -5.72
C TYR A 36 -5.17 -3.33 -5.66
N VAL A 37 -4.58 -3.00 -6.79
CA VAL A 37 -3.77 -1.80 -6.89
C VAL A 37 -4.49 -0.76 -7.74
N ILE A 38 -4.97 0.26 -7.04
CA ILE A 38 -5.73 1.33 -7.64
C ILE A 38 -4.85 2.56 -7.87
N ASP A 39 -4.36 2.65 -9.12
CA ASP A 39 -3.38 3.66 -9.54
C ASP A 39 -3.39 3.92 -11.05
N THR A 40 -2.18 3.87 -11.63
CA THR A 40 -1.94 4.10 -13.05
C THR A 40 -1.94 2.82 -13.91
N GLY A 41 -2.19 1.69 -13.26
CA GLY A 41 -2.14 0.39 -13.89
C GLY A 41 -0.90 -0.35 -13.45
N ILE A 42 -0.77 -1.57 -13.91
CA ILE A 42 0.39 -2.38 -13.62
C ILE A 42 1.00 -2.85 -14.95
N GLU A 43 2.34 -2.91 -15.00
CA GLU A 43 2.95 -3.52 -16.16
C GLU A 43 3.02 -5.00 -15.87
N ALA A 44 1.96 -5.68 -16.31
CA ALA A 44 1.72 -7.04 -15.87
C ALA A 44 2.74 -8.06 -16.30
N SER A 45 3.43 -7.78 -17.40
CA SER A 45 4.41 -8.70 -17.97
C SER A 45 5.78 -8.63 -17.32
N HIS A 46 5.92 -7.67 -16.42
CA HIS A 46 7.17 -7.55 -15.71
C HIS A 46 7.55 -8.86 -15.04
N PRO A 47 8.72 -9.36 -15.40
CA PRO A 47 9.20 -10.63 -14.86
C PRO A 47 9.11 -10.74 -13.34
N GLU A 48 9.30 -9.64 -12.61
CA GLU A 48 9.17 -9.65 -11.15
C GLU A 48 7.82 -10.12 -10.62
N PHE A 49 6.77 -10.04 -11.45
CA PHE A 49 5.44 -10.41 -11.02
C PHE A 49 5.19 -11.90 -11.20
N GLU A 50 6.10 -12.56 -11.94
CA GLU A 50 6.00 -14.00 -12.21
C GLU A 50 4.64 -14.41 -12.73
N GLY A 51 3.95 -13.48 -13.35
CA GLY A 51 2.63 -13.81 -13.83
C GLY A 51 1.55 -13.75 -12.75
N ARG A 52 1.83 -13.15 -11.59
CA ARG A 52 0.83 -13.11 -10.54
C ARG A 52 -0.01 -11.82 -10.58
N ALA A 53 0.26 -10.99 -11.56
CA ALA A 53 -0.42 -9.73 -11.66
C ALA A 53 -1.30 -9.68 -12.89
N GLN A 54 -2.39 -8.95 -12.82
CA GLN A 54 -3.14 -8.74 -14.04
C GLN A 54 -4.00 -7.52 -13.95
N MET A 55 -4.15 -6.85 -15.09
CA MET A 55 -5.07 -5.75 -15.20
C MET A 55 -6.46 -6.30 -15.35
N VAL A 56 -7.37 -5.64 -14.65
CA VAL A 56 -8.78 -6.02 -14.53
C VAL A 56 -9.77 -4.96 -15.00
N LYS A 57 -9.34 -3.70 -15.03
CA LYS A 57 -10.20 -2.59 -15.39
C LYS A 57 -9.46 -1.31 -15.79
N THR A 58 -9.85 -0.67 -16.89
CA THR A 58 -9.31 0.65 -17.19
C THR A 58 -10.45 1.60 -17.31
N TYR A 59 -10.12 2.87 -17.13
CA TYR A 59 -11.07 3.93 -17.28
C TYR A 59 -10.63 4.83 -18.42
N TYR A 60 -9.62 4.38 -19.13
CA TYR A 60 -9.07 5.10 -20.27
C TYR A 60 -8.93 4.25 -21.52
N TYR A 61 -8.30 4.83 -22.53
CA TYR A 61 -8.13 4.17 -23.80
C TYR A 61 -7.29 2.90 -23.78
N SER A 62 -6.43 2.75 -22.79
CA SER A 62 -5.55 1.59 -22.74
C SER A 62 -5.52 0.99 -21.36
N SER A 63 -5.12 -0.27 -21.24
CA SER A 63 -4.99 -0.89 -19.94
C SER A 63 -3.54 -0.84 -19.43
N ARG A 64 -2.70 -0.11 -20.12
CA ARG A 64 -1.30 -0.08 -19.76
C ARG A 64 -0.88 1.13 -18.92
N ASP A 65 0.04 0.87 -18.01
CA ASP A 65 0.66 1.88 -17.15
C ASP A 65 1.74 2.60 -17.95
N GLY A 66 1.45 3.79 -18.43
CA GLY A 66 2.47 4.51 -19.16
C GLY A 66 3.07 5.55 -18.24
N ASN A 67 2.82 5.35 -16.95
CA ASN A 67 3.28 6.30 -15.93
C ASN A 67 4.41 5.73 -15.09
N GLY A 68 4.13 4.61 -14.45
CA GLY A 68 5.12 3.98 -13.62
C GLY A 68 4.62 3.86 -12.18
N HIS A 69 3.88 4.86 -11.71
CA HIS A 69 3.40 4.92 -10.32
C HIS A 69 2.80 3.60 -9.86
N GLY A 70 1.84 3.07 -10.62
CA GLY A 70 1.16 1.84 -10.21
C GLY A 70 2.10 0.64 -10.18
N THR A 71 2.90 0.53 -11.24
CA THR A 71 3.83 -0.59 -11.31
C THR A 71 4.80 -0.60 -10.14
N HIS A 72 5.16 0.60 -9.70
CA HIS A 72 6.04 0.74 -8.56
C HIS A 72 5.34 0.28 -7.27
N CYS A 73 4.11 0.72 -7.12
CA CYS A 73 3.38 0.33 -5.94
C CYS A 73 3.12 -1.19 -5.87
N ALA A 74 2.68 -1.78 -6.97
CA ALA A 74 2.43 -3.20 -7.06
C ALA A 74 3.63 -4.02 -6.66
N GLY A 75 4.82 -3.57 -7.09
CA GLY A 75 6.07 -4.24 -6.76
C GLY A 75 6.29 -4.33 -5.26
N THR A 76 6.07 -3.19 -4.58
CA THR A 76 6.22 -3.16 -3.13
C THR A 76 5.26 -4.11 -2.46
N VAL A 77 4.10 -4.28 -3.07
CA VAL A 77 3.11 -5.22 -2.55
C VAL A 77 3.56 -6.68 -2.62
N GLY A 78 3.78 -7.24 -3.82
CA GLY A 78 4.18 -8.64 -3.85
C GLY A 78 5.02 -9.03 -5.06
N SER A 79 6.03 -8.25 -5.39
CA SER A 79 6.93 -8.68 -6.45
C SER A 79 8.00 -9.55 -5.81
N ARG A 80 8.66 -10.38 -6.60
CA ARG A 80 9.66 -11.27 -6.03
C ARG A 80 10.68 -10.55 -5.18
N THR A 81 11.38 -9.64 -5.81
CA THR A 81 12.50 -9.02 -5.16
C THR A 81 12.14 -7.89 -4.26
N TYR A 82 11.17 -7.10 -4.68
CA TYR A 82 10.88 -5.85 -4.03
C TYR A 82 9.66 -5.80 -3.10
N GLY A 83 8.91 -6.91 -3.02
CA GLY A 83 7.62 -6.91 -2.36
C GLY A 83 7.52 -7.62 -1.01
N VAL A 84 6.53 -7.15 -0.26
CA VAL A 84 6.24 -7.69 1.06
C VAL A 84 5.72 -9.13 1.06
N ALA A 85 4.68 -9.35 0.26
CA ALA A 85 3.91 -10.59 0.15
C ALA A 85 4.16 -11.19 -1.22
N LYS A 86 5.26 -11.93 -1.26
CA LYS A 86 5.84 -12.39 -2.49
C LYS A 86 5.01 -13.37 -3.28
N LYS A 87 3.96 -13.94 -2.68
CA LYS A 87 3.17 -14.90 -3.45
C LYS A 87 1.71 -14.53 -3.56
N THR A 88 1.40 -13.27 -3.34
CA THR A 88 0.06 -12.80 -3.49
C THR A 88 -0.33 -12.60 -4.94
N GLN A 89 -1.64 -12.39 -5.11
CA GLN A 89 -2.20 -12.11 -6.40
C GLN A 89 -2.41 -10.61 -6.51
N LEU A 90 -2.17 -10.07 -7.69
CA LEU A 90 -2.30 -8.65 -7.83
C LEU A 90 -3.31 -8.35 -8.91
N PHE A 91 -4.17 -7.36 -8.66
CA PHE A 91 -5.08 -6.92 -9.71
C PHE A 91 -4.90 -5.45 -9.97
N GLY A 92 -4.73 -5.06 -11.22
CA GLY A 92 -4.55 -3.67 -11.52
C GLY A 92 -5.83 -2.95 -11.89
N VAL A 93 -6.04 -1.81 -11.22
CA VAL A 93 -7.14 -0.93 -11.53
C VAL A 93 -6.64 0.44 -11.94
N LYS A 94 -6.84 0.80 -13.21
CA LYS A 94 -6.32 2.05 -13.74
C LYS A 94 -7.29 3.21 -13.61
N VAL A 95 -7.15 3.95 -12.53
CA VAL A 95 -8.04 5.05 -12.30
C VAL A 95 -7.39 6.35 -12.67
N LEU A 96 -6.08 6.27 -12.78
CA LEU A 96 -5.31 7.43 -13.11
C LEU A 96 -4.72 7.27 -14.51
N ASP A 97 -4.67 8.40 -15.23
CA ASP A 97 -4.12 8.38 -16.55
C ASP A 97 -2.59 8.43 -16.54
N ASP A 98 -2.00 8.20 -17.71
CA ASP A 98 -0.56 8.21 -17.90
C ASP A 98 0.07 9.49 -17.43
N ASN A 99 -0.74 10.53 -17.33
CA ASN A 99 -0.26 11.77 -16.78
C ASN A 99 -0.44 11.83 -15.27
N GLY A 100 -1.03 10.76 -14.72
CA GLY A 100 -1.26 10.67 -13.30
C GLY A 100 -2.45 11.49 -12.86
N SER A 101 -3.25 11.94 -13.81
CA SER A 101 -4.43 12.66 -13.39
C SER A 101 -5.63 11.74 -13.40
N GLY A 102 -6.66 12.15 -12.69
CA GLY A 102 -7.88 11.40 -12.55
C GLY A 102 -8.93 12.21 -11.82
N GLN A 103 -10.12 12.28 -12.43
CA GLN A 103 -11.29 12.95 -11.84
C GLN A 103 -11.92 12.10 -10.75
N TYR A 104 -12.53 12.75 -9.77
CA TYR A 104 -13.01 12.05 -8.59
C TYR A 104 -14.03 10.96 -8.90
N SER A 105 -14.91 11.27 -9.87
CA SER A 105 -15.92 10.30 -10.28
C SER A 105 -15.30 9.01 -10.79
N THR A 106 -14.15 9.13 -11.47
CA THR A 106 -13.46 7.93 -11.85
C THR A 106 -12.85 7.15 -10.68
N ILE A 107 -12.31 7.87 -9.70
CA ILE A 107 -11.76 7.13 -8.58
C ILE A 107 -12.86 6.49 -7.74
N ILE A 108 -14.00 7.15 -7.67
CA ILE A 108 -15.12 6.57 -6.98
C ILE A 108 -15.63 5.37 -7.75
N ALA A 109 -15.65 5.52 -9.08
CA ALA A 109 -16.07 4.38 -9.88
C ALA A 109 -15.13 3.17 -9.71
N GLY A 110 -13.84 3.42 -9.66
CA GLY A 110 -12.89 2.34 -9.48
C GLY A 110 -13.06 1.62 -8.14
N MET A 111 -13.40 2.38 -7.09
CA MET A 111 -13.59 1.75 -5.79
C MET A 111 -14.83 0.83 -5.71
N ASP A 112 -15.97 1.30 -6.27
CA ASP A 112 -17.22 0.52 -6.32
C ASP A 112 -16.96 -0.72 -7.12
N PHE A 113 -16.19 -0.49 -8.18
CA PHE A 113 -15.76 -1.57 -9.03
C PHE A 113 -15.07 -2.65 -8.22
N VAL A 114 -14.00 -2.27 -7.52
CA VAL A 114 -13.32 -3.25 -6.66
C VAL A 114 -14.28 -4.00 -5.71
N ALA A 115 -15.19 -3.26 -5.04
CA ALA A 115 -16.08 -3.90 -4.08
C ALA A 115 -16.95 -4.99 -4.68
N SER A 116 -17.28 -4.84 -5.98
CA SER A 116 -18.09 -5.77 -6.75
C SER A 116 -17.28 -6.91 -7.35
N ASP A 117 -16.16 -6.50 -7.99
CA ASP A 117 -15.30 -7.44 -8.71
C ASP A 117 -14.75 -8.55 -7.85
N LYS A 118 -14.44 -8.21 -6.60
CA LYS A 118 -13.86 -9.16 -5.67
C LYS A 118 -14.71 -10.41 -5.49
N ASN A 119 -16.03 -10.29 -5.70
CA ASN A 119 -16.97 -11.40 -5.55
C ASN A 119 -16.77 -12.46 -6.62
N ASN A 120 -16.19 -12.08 -7.74
CA ASN A 120 -15.96 -13.07 -8.75
C ASN A 120 -14.49 -13.48 -8.88
N ARG A 121 -13.71 -13.25 -7.81
CA ARG A 121 -12.32 -13.69 -7.70
C ARG A 121 -12.17 -14.80 -6.68
N ASN A 122 -11.15 -15.62 -6.84
CA ASN A 122 -10.85 -16.64 -5.87
C ASN A 122 -9.71 -16.18 -4.97
N CYS A 123 -10.09 -15.66 -3.80
CA CYS A 123 -9.19 -15.01 -2.84
C CYS A 123 -9.57 -15.49 -1.45
N PRO A 124 -9.32 -16.77 -1.21
CA PRO A 124 -9.67 -17.43 0.04
C PRO A 124 -9.15 -16.74 1.28
N LYS A 125 -7.95 -16.22 1.22
CA LYS A 125 -7.39 -15.63 2.43
C LYS A 125 -7.86 -14.19 2.63
N GLY A 126 -8.47 -13.59 1.62
CA GLY A 126 -8.99 -12.24 1.83
C GLY A 126 -8.59 -11.26 0.75
N VAL A 127 -9.09 -10.05 0.91
CA VAL A 127 -8.88 -9.03 -0.08
C VAL A 127 -8.43 -7.72 0.49
N VAL A 128 -7.47 -7.14 -0.22
CA VAL A 128 -6.87 -5.88 0.16
C VAL A 128 -6.91 -4.89 -0.99
N ALA A 129 -6.99 -3.61 -0.67
CA ALA A 129 -6.96 -2.59 -1.67
C ALA A 129 -5.88 -1.60 -1.28
N SER A 130 -5.00 -1.25 -2.20
CA SER A 130 -3.91 -0.34 -1.93
C SER A 130 -4.10 0.92 -2.77
N LEU A 131 -4.29 2.07 -2.12
CA LEU A 131 -4.61 3.31 -2.83
C LEU A 131 -3.58 4.42 -2.63
N SER A 132 -2.58 4.53 -3.50
CA SER A 132 -1.56 5.57 -3.37
C SER A 132 -1.83 6.78 -4.21
N LEU A 133 -2.92 7.46 -3.88
CA LEU A 133 -3.30 8.65 -4.58
C LEU A 133 -4.12 9.47 -3.63
N GLY A 134 -4.48 10.69 -4.02
CA GLY A 134 -5.27 11.54 -3.16
C GLY A 134 -5.45 12.91 -3.78
N GLY A 135 -6.24 13.72 -3.10
CA GLY A 135 -6.47 15.08 -3.54
C GLY A 135 -7.03 15.86 -2.36
N GLY A 136 -7.54 17.04 -2.67
CA GLY A 136 -8.22 17.85 -1.68
C GLY A 136 -9.46 17.14 -1.12
N TYR A 137 -9.91 17.61 0.07
CA TYR A 137 -11.01 17.00 0.78
C TYR A 137 -12.21 16.75 -0.15
N SER A 138 -12.84 15.61 0.02
CA SER A 138 -14.08 15.36 -0.68
C SER A 138 -14.88 14.32 0.08
N SER A 139 -16.10 14.69 0.45
CA SER A 139 -16.90 13.71 1.14
C SER A 139 -17.26 12.48 0.31
N SER A 140 -17.48 12.67 -0.99
CA SER A 140 -17.90 11.56 -1.84
C SER A 140 -16.80 10.53 -2.04
N VAL A 141 -15.57 11.05 -2.14
CA VAL A 141 -14.41 10.19 -2.23
C VAL A 141 -14.23 9.36 -0.96
N ASN A 142 -14.37 10.04 0.16
CA ASN A 142 -14.30 9.40 1.46
C ASN A 142 -15.32 8.30 1.58
N SER A 143 -16.54 8.66 1.22
CA SER A 143 -17.64 7.73 1.36
C SER A 143 -17.45 6.54 0.44
N ALA A 144 -16.75 6.76 -0.65
CA ALA A 144 -16.45 5.66 -1.55
C ALA A 144 -15.47 4.66 -0.90
N ALA A 145 -14.47 5.21 -0.23
CA ALA A 145 -13.51 4.42 0.47
C ALA A 145 -14.14 3.64 1.62
N ALA A 146 -15.04 4.31 2.35
CA ALA A 146 -15.73 3.67 3.46
C ALA A 146 -16.54 2.47 2.99
N ARG A 147 -17.28 2.67 1.92
CA ARG A 147 -18.08 1.63 1.33
C ARG A 147 -17.17 0.44 0.99
N LEU A 148 -16.04 0.78 0.35
CA LEU A 148 -15.08 -0.25 -0.03
C LEU A 148 -14.64 -1.04 1.18
N GLN A 149 -14.26 -0.29 2.20
CA GLN A 149 -13.86 -0.98 3.40
C GLN A 149 -14.97 -1.82 4.00
N SER A 150 -16.19 -1.31 3.95
CA SER A 150 -17.28 -1.99 4.59
C SER A 150 -17.71 -3.25 3.85
N SER A 151 -17.42 -3.24 2.55
CA SER A 151 -17.72 -4.37 1.71
C SER A 151 -16.90 -5.63 2.06
N GLY A 152 -15.86 -5.46 2.88
CA GLY A 152 -15.04 -6.57 3.35
C GLY A 152 -13.63 -6.58 2.75
N VAL A 153 -13.12 -5.40 2.40
CA VAL A 153 -11.80 -5.28 1.81
C VAL A 153 -10.89 -4.46 2.69
N MET A 154 -9.66 -4.95 2.92
CA MET A 154 -8.68 -4.15 3.65
C MET A 154 -8.26 -2.94 2.81
N VAL A 155 -8.70 -1.75 3.19
CA VAL A 155 -8.35 -0.55 2.45
C VAL A 155 -7.18 0.21 3.06
N ALA A 156 -6.16 0.46 2.28
CA ALA A 156 -5.03 1.19 2.77
C ALA A 156 -4.77 2.38 1.87
N VAL A 157 -4.69 3.59 2.46
CA VAL A 157 -4.55 4.82 1.71
C VAL A 157 -3.38 5.70 2.14
N ALA A 158 -2.80 6.29 1.11
CA ALA A 158 -1.70 7.18 1.30
C ALA A 158 -2.20 8.41 2.03
N ALA A 159 -1.38 8.90 2.97
CA ALA A 159 -1.69 10.08 3.76
C ALA A 159 -1.51 11.37 2.97
N GLY A 160 -0.65 11.32 1.95
CA GLY A 160 -0.30 12.47 1.10
C GLY A 160 1.09 13.07 1.38
N ASN A 161 1.64 13.78 0.40
CA ASN A 161 2.95 14.36 0.54
C ASN A 161 2.95 15.87 0.59
N ASN A 162 2.11 16.44 1.46
CA ASN A 162 1.99 17.87 1.59
C ASN A 162 2.67 18.38 2.86
N ASN A 163 3.15 17.46 3.69
CA ASN A 163 3.75 17.83 4.97
C ASN A 163 2.76 18.73 5.67
N ALA A 164 1.51 18.24 5.64
CA ALA A 164 0.39 18.88 6.27
C ALA A 164 -0.48 17.87 6.99
N ASP A 165 -1.48 18.41 7.68
CA ASP A 165 -2.47 17.60 8.32
C ASP A 165 -3.28 16.94 7.23
N ALA A 166 -3.30 15.63 7.25
CA ALA A 166 -4.01 14.85 6.24
C ALA A 166 -5.53 15.01 6.23
N ARG A 167 -6.06 15.70 7.24
CA ARG A 167 -7.49 15.87 7.42
C ARG A 167 -8.15 16.64 6.29
N ASN A 168 -7.35 17.32 5.50
CA ASN A 168 -7.80 18.17 4.41
C ASN A 168 -7.56 17.51 3.04
N TYR A 169 -7.32 16.21 3.10
CA TYR A 169 -7.04 15.46 1.91
C TYR A 169 -7.86 14.20 1.91
N SER A 170 -8.21 13.74 0.71
CA SER A 170 -9.08 12.58 0.53
C SER A 170 -8.41 11.57 -0.35
N PRO A 171 -8.59 10.27 -0.10
CA PRO A 171 -9.39 9.71 0.97
C PRO A 171 -8.62 9.53 2.25
N ALA A 172 -7.46 10.16 2.37
CA ALA A 172 -6.67 10.02 3.58
C ALA A 172 -7.47 10.32 4.85
N SER A 173 -8.33 11.30 4.72
CA SER A 173 -9.12 11.74 5.84
C SER A 173 -10.29 10.85 6.25
N GLU A 174 -10.60 9.79 5.52
CA GLU A 174 -11.71 8.93 5.91
C GLU A 174 -11.25 8.09 7.10
N PRO A 175 -11.85 8.25 8.28
CA PRO A 175 -11.36 7.50 9.43
C PRO A 175 -11.40 5.98 9.37
N SER A 176 -12.39 5.45 8.63
CA SER A 176 -12.65 4.01 8.57
C SER A 176 -11.58 3.19 7.88
N VAL A 177 -10.76 3.82 7.04
CA VAL A 177 -9.68 3.16 6.28
C VAL A 177 -8.34 3.24 6.99
N CYS A 178 -7.27 2.72 6.37
CA CYS A 178 -5.94 2.62 6.97
C CYS A 178 -4.98 3.61 6.34
N THR A 179 -4.93 4.79 6.93
CA THR A 179 -4.15 5.91 6.41
C THR A 179 -2.70 5.78 6.89
N VAL A 180 -1.79 5.75 5.90
CA VAL A 180 -0.40 5.40 6.06
C VAL A 180 0.55 6.57 5.85
N GLY A 181 1.37 6.87 6.86
CA GLY A 181 2.39 7.89 6.72
C GLY A 181 3.68 7.28 6.22
N ALA A 182 4.66 8.11 5.90
CA ALA A 182 5.92 7.58 5.42
C ALA A 182 7.07 7.84 6.36
N SER A 183 8.03 6.91 6.39
CA SER A 183 9.29 7.10 7.11
C SER A 183 10.55 6.85 6.25
N ASP A 184 11.70 7.21 6.79
CA ASP A 184 12.95 7.03 6.09
C ASP A 184 13.84 6.02 6.80
N ARG A 185 15.02 5.79 6.23
CA ARG A 185 16.06 4.85 6.62
C ARG A 185 16.28 4.93 8.09
N TYR A 186 16.44 6.16 8.56
CA TYR A 186 16.82 6.41 9.93
C TYR A 186 15.68 6.56 10.90
N ASP A 187 14.51 6.08 10.54
CA ASP A 187 13.44 6.12 11.51
C ASP A 187 13.01 7.56 11.78
N ARG A 188 13.11 8.37 10.74
CA ARG A 188 12.58 9.70 10.77
C ARG A 188 11.33 9.77 9.92
N ARG A 189 10.38 10.59 10.35
CA ARG A 189 9.24 10.91 9.52
C ARG A 189 9.81 11.46 8.22
N SER A 190 9.30 10.96 7.09
CA SER A 190 9.73 11.52 5.84
C SER A 190 9.29 12.98 5.84
N SER A 191 10.12 13.89 5.33
CA SER A 191 9.83 15.32 5.37
C SER A 191 8.59 15.74 4.59
N PHE A 192 8.19 14.94 3.62
CA PHE A 192 7.05 15.33 2.82
C PHE A 192 5.75 14.75 3.37
N SER A 193 5.91 13.77 4.26
CA SER A 193 4.79 13.03 4.80
C SER A 193 3.76 13.88 5.52
N ASN A 194 2.49 13.65 5.23
CA ASN A 194 1.44 14.35 5.91
C ASN A 194 1.35 13.71 7.29
N TYR A 195 0.64 14.36 8.23
CA TYR A 195 0.51 13.89 9.60
C TYR A 195 -0.87 14.20 10.14
N GLY A 196 -1.08 13.95 11.44
CA GLY A 196 -2.37 14.20 11.99
C GLY A 196 -2.96 13.00 12.70
N SER A 197 -4.06 13.24 13.38
CA SER A 197 -4.67 12.23 14.19
C SER A 197 -5.30 11.11 13.37
N VAL A 198 -5.72 11.44 12.16
CA VAL A 198 -6.33 10.47 11.26
C VAL A 198 -5.35 9.41 10.77
N LEU A 199 -4.05 9.61 10.98
CA LEU A 199 -3.10 8.59 10.58
C LEU A 199 -3.23 7.36 11.46
N ASP A 200 -3.07 6.20 10.88
CA ASP A 200 -3.19 4.95 11.63
C ASP A 200 -1.81 4.33 11.87
N ILE A 201 -0.92 4.55 10.95
CA ILE A 201 0.36 3.85 11.01
C ILE A 201 1.37 4.45 10.01
N PHE A 202 2.64 4.18 10.29
CA PHE A 202 3.72 4.60 9.41
C PHE A 202 4.30 3.40 8.71
N GLY A 203 4.88 3.68 7.54
CA GLY A 203 5.71 2.72 6.82
C GLY A 203 6.81 3.44 6.03
N PRO A 204 7.76 2.65 5.57
CA PRO A 204 8.87 3.09 4.76
C PRO A 204 8.43 3.69 3.41
N GLY A 205 8.75 4.97 3.21
CA GLY A 205 8.28 5.67 2.02
C GLY A 205 9.36 6.51 1.34
N THR A 206 10.55 6.58 1.94
CA THR A 206 11.60 7.39 1.38
C THR A 206 12.61 6.51 0.68
N SER A 207 12.88 6.83 -0.58
CA SER A 207 13.86 6.10 -1.34
C SER A 207 13.60 4.58 -1.36
N ILE A 208 12.46 4.19 -1.90
CA ILE A 208 12.09 2.79 -2.02
C ILE A 208 12.31 2.23 -3.44
N LEU A 209 13.09 1.15 -3.47
CA LEU A 209 13.40 0.43 -4.67
C LEU A 209 12.22 -0.45 -5.04
N SER A 210 11.81 -0.35 -6.30
CA SER A 210 10.71 -1.16 -6.76
C SER A 210 10.70 -1.35 -8.26
N THR A 211 9.74 -2.11 -8.77
CA THR A 211 9.54 -2.33 -10.19
C THR A 211 9.20 -1.03 -10.87
N TRP A 212 9.52 -0.97 -12.15
CA TRP A 212 9.20 0.17 -13.01
C TRP A 212 8.88 -0.30 -14.41
N ILE A 213 8.39 0.63 -15.22
CA ILE A 213 7.95 0.30 -16.55
C ILE A 213 9.11 0.03 -17.50
N GLY A 214 8.82 -0.81 -18.49
CA GLY A 214 9.83 -1.30 -19.40
C GLY A 214 10.72 -2.33 -18.69
N GLY A 215 10.11 -3.10 -17.78
CA GLY A 215 10.82 -4.15 -17.06
C GLY A 215 12.01 -3.65 -16.28
N SER A 216 11.96 -2.39 -15.86
CA SER A 216 13.06 -1.81 -15.12
C SER A 216 12.78 -1.77 -13.61
N THR A 217 13.53 -0.91 -12.93
CA THR A 217 13.43 -0.70 -11.51
C THR A 217 13.89 0.71 -11.27
N ARG A 218 13.41 1.27 -10.14
CA ARG A 218 13.58 2.66 -9.81
C ARG A 218 13.35 2.92 -8.31
N SER A 219 14.12 3.84 -7.76
CA SER A 219 13.88 4.30 -6.41
C SER A 219 13.13 5.61 -6.42
N ILE A 220 12.04 5.64 -5.70
CA ILE A 220 11.31 6.87 -5.55
C ILE A 220 10.79 7.02 -4.14
N SER A 221 10.33 8.22 -3.82
CA SER A 221 9.91 8.54 -2.49
C SER A 221 8.46 8.99 -2.42
N GLY A 222 7.76 8.65 -1.32
CA GLY A 222 6.39 9.12 -1.11
C GLY A 222 5.54 8.26 -0.16
N THR A 223 4.39 8.82 0.26
CA THR A 223 3.43 8.05 1.03
C THR A 223 2.82 6.98 0.13
N SER A 224 3.00 7.16 -1.18
CA SER A 224 2.59 6.11 -2.08
C SER A 224 3.42 4.86 -1.86
N MET A 225 4.71 5.04 -1.54
CA MET A 225 5.60 3.92 -1.32
C MET A 225 5.31 3.23 0.01
N ALA A 226 4.88 4.03 0.98
CA ALA A 226 4.61 3.47 2.29
C ALA A 226 3.34 2.63 2.26
N THR A 227 2.33 3.16 1.58
CA THR A 227 1.02 2.53 1.52
C THR A 227 1.07 1.03 1.20
N PRO A 228 1.82 0.66 0.15
CA PRO A 228 1.95 -0.73 -0.28
C PRO A 228 2.63 -1.64 0.73
N HIS A 229 3.53 -1.07 1.53
CA HIS A 229 4.18 -1.92 2.50
C HIS A 229 3.12 -2.41 3.43
N VAL A 230 2.22 -1.50 3.80
CA VAL A 230 1.16 -1.93 4.70
C VAL A 230 0.13 -2.87 4.07
N ALA A 231 -0.35 -2.52 2.90
CA ALA A 231 -1.27 -3.41 2.22
C ALA A 231 -0.69 -4.80 2.03
N GLY A 232 0.61 -4.86 1.70
CA GLY A 232 1.34 -6.10 1.47
C GLY A 232 1.47 -6.85 2.77
N LEU A 233 1.66 -6.07 3.84
CA LEU A 233 1.74 -6.67 5.15
C LEU A 233 0.42 -7.29 5.60
N ALA A 234 -0.70 -6.58 5.36
CA ALA A 234 -2.04 -7.07 5.70
C ALA A 234 -2.33 -8.35 4.95
N ALA A 235 -2.08 -8.30 3.64
CA ALA A 235 -2.24 -9.51 2.82
C ALA A 235 -1.47 -10.66 3.45
N TYR A 236 -0.29 -10.34 3.91
CA TYR A 236 0.54 -11.36 4.49
C TYR A 236 -0.02 -11.98 5.77
N LEU A 237 -0.49 -11.13 6.68
CA LEU A 237 -1.07 -11.53 7.94
C LEU A 237 -2.41 -12.24 7.79
N MET A 238 -3.11 -11.91 6.70
CA MET A 238 -4.39 -12.52 6.46
C MET A 238 -4.24 -13.98 6.08
N THR A 239 -3.22 -14.28 5.24
CA THR A 239 -2.96 -15.67 4.90
C THR A 239 -2.43 -16.52 6.06
N LEU A 240 -1.80 -15.83 7.00
CA LEU A 240 -1.31 -16.52 8.17
C LEU A 240 -2.46 -16.72 9.13
N GLY A 241 -3.54 -15.98 8.96
CA GLY A 241 -4.71 -16.17 9.82
C GLY A 241 -4.72 -15.35 11.10
N LYS A 242 -3.85 -14.36 11.16
CA LYS A 242 -3.67 -13.54 12.33
C LYS A 242 -4.78 -12.50 12.52
N THR A 243 -5.31 -12.03 11.41
CA THR A 243 -6.30 -10.98 11.39
C THR A 243 -7.22 -11.15 10.18
N THR A 244 -8.17 -10.22 10.07
CA THR A 244 -9.13 -10.18 8.97
C THR A 244 -9.16 -8.80 8.34
N ALA A 245 -9.94 -8.71 7.26
CA ALA A 245 -10.02 -7.46 6.54
C ALA A 245 -10.52 -6.38 7.45
N ALA A 246 -11.57 -6.74 8.16
CA ALA A 246 -12.22 -5.77 8.98
C ALA A 246 -11.30 -5.17 10.03
N SER A 247 -10.41 -5.99 10.60
CA SER A 247 -9.61 -5.60 11.75
C SER A 247 -8.11 -5.51 11.50
N ALA A 248 -7.68 -5.62 10.24
CA ALA A 248 -6.27 -5.65 9.90
C ALA A 248 -5.52 -4.39 10.30
N CYS A 249 -6.12 -3.26 10.00
CA CYS A 249 -5.49 -1.98 10.31
C CYS A 249 -5.25 -1.85 11.80
N ARG A 250 -6.28 -2.14 12.59
CA ARG A 250 -6.15 -2.14 14.03
C ARG A 250 -5.03 -3.09 14.48
N TYR A 251 -5.10 -4.33 14.05
CA TYR A 251 -4.10 -5.33 14.35
C TYR A 251 -2.66 -4.84 14.09
N ILE A 252 -2.48 -4.22 12.92
CA ILE A 252 -1.17 -3.75 12.51
C ILE A 252 -0.64 -2.68 13.48
N ALA A 253 -1.53 -1.83 13.99
CA ALA A 253 -1.13 -0.80 14.97
C ALA A 253 -0.89 -1.40 16.34
N ASP A 254 -1.65 -2.40 16.73
CA ASP A 254 -1.42 -3.02 18.00
C ASP A 254 -0.06 -3.67 18.05
N THR A 255 0.33 -4.25 16.93
CA THR A 255 1.52 -5.07 16.89
C THR A 255 2.74 -4.29 16.39
N ALA A 256 2.55 -2.99 16.17
CA ALA A 256 3.61 -2.19 15.59
C ALA A 256 4.81 -1.97 16.50
N ASN A 257 5.91 -1.49 15.90
CA ASN A 257 6.99 -0.91 16.65
C ASN A 257 6.51 0.48 17.10
N LYS A 258 6.49 0.71 18.41
CA LYS A 258 6.00 1.97 18.92
C LYS A 258 7.09 2.84 19.47
N GLY A 259 7.00 4.14 19.25
CA GLY A 259 7.92 5.09 19.84
C GLY A 259 9.25 5.24 19.12
N ASP A 260 9.50 4.46 18.06
CA ASP A 260 10.77 4.54 17.33
C ASP A 260 10.88 5.73 16.36
N LEU A 261 9.75 6.29 15.92
CA LEU A 261 9.80 7.35 14.92
C LEU A 261 10.21 8.71 15.52
N SER A 262 10.87 9.54 14.72
CA SER A 262 11.26 10.85 15.21
C SER A 262 10.69 11.86 14.27
N ASN A 263 10.60 13.09 14.71
CA ASN A 263 9.96 14.11 13.89
C ASN A 263 8.44 13.87 13.82
N ILE A 264 7.86 13.16 14.79
CA ILE A 264 6.42 12.94 14.84
C ILE A 264 5.74 13.97 15.72
N PRO A 265 4.92 14.82 15.14
CA PRO A 265 4.25 15.86 15.90
C PRO A 265 3.21 15.31 16.85
N PHE A 266 3.05 16.03 17.98
CA PHE A 266 2.05 15.74 19.00
C PHE A 266 0.67 15.49 18.36
N GLY A 267 0.06 14.36 18.70
CA GLY A 267 -1.26 14.10 18.14
C GLY A 267 -1.27 13.06 17.02
N THR A 268 -0.07 12.71 16.56
CA THR A 268 0.10 11.75 15.51
C THR A 268 0.61 10.47 16.14
N VAL A 269 0.24 9.32 15.61
CA VAL A 269 0.78 8.09 16.18
C VAL A 269 2.28 7.92 15.91
N ASN A 270 2.96 7.24 16.79
CA ASN A 270 4.33 6.86 16.57
C ASN A 270 4.37 5.36 16.45
N LEU A 271 3.91 4.90 15.30
CA LEU A 271 3.67 3.49 15.02
C LEU A 271 4.22 3.09 13.66
N LEU A 272 5.07 2.06 13.64
CA LEU A 272 5.79 1.61 12.47
C LEU A 272 5.44 0.15 12.13
N ALA A 273 4.85 -0.07 10.95
CA ALA A 273 4.44 -1.40 10.57
C ALA A 273 5.54 -2.42 10.87
N TYR A 274 5.13 -3.61 11.33
CA TYR A 274 6.04 -4.63 11.81
C TYR A 274 5.40 -6.01 11.72
N ASN A 275 6.08 -6.96 11.10
CA ASN A 275 5.50 -8.24 10.89
C ASN A 275 5.69 -9.18 12.06
N ASN A 276 6.46 -8.76 13.04
CA ASN A 276 6.65 -9.62 14.17
C ASN A 276 7.09 -11.05 13.83
N TYR A 277 7.96 -11.19 12.85
CA TYR A 277 8.35 -12.53 12.51
C TYR A 277 9.29 -13.12 13.57
N GLN A 278 9.19 -14.44 13.73
CA GLN A 278 10.01 -15.22 14.62
C GLN A 278 10.17 -16.63 14.05
N ALA A 279 11.43 -16.99 13.74
CA ALA A 279 11.70 -18.29 13.12
C ALA A 279 11.44 -19.46 14.05
N ALA B 2 -7.88 13.52 -8.28
CA ALA B 2 -6.66 13.09 -7.62
C ALA B 2 -5.40 13.08 -8.49
N ALA B 3 -4.31 12.71 -7.82
CA ALA B 3 -3.01 12.51 -8.41
C ALA B 3 -2.30 11.37 -7.68
N PRO B 4 -1.26 10.80 -8.28
CA PRO B 4 -0.57 9.73 -7.60
C PRO B 4 0.41 10.23 -6.54
#